data_4LE0
#
_entry.id   4LE0
#
_cell.length_a   43.945
_cell.length_b   71.782
_cell.length_c   52.193
_cell.angle_alpha   90.000
_cell.angle_beta   104.250
_cell.angle_gamma   90.000
#
_symmetry.space_group_name_H-M   'P 1 21 1'
#
loop_
_entity.id
_entity.type
_entity.pdbx_description
1 polymer 'Transcriptional regulatory protein DesR'
2 non-polymer 'MAGNESIUM ION'
3 non-polymer 'BERYLLIUM TRIFLUORIDE ION'
4 non-polymer 'ACETATE ION'
5 non-polymer GLYCEROL
6 water water
#
_entity_poly.entity_id   1
_entity_poly.type   'polypeptide(L)'
_entity_poly.pdbx_seq_one_letter_code
;GSGSMISIFIAEDQQMLLGALGSLLNLEDDMEVVGKGTTGQDAVDFVKKRQPDVCIMDIEMPGKTGLEAAEELKDTGCKI
IILTTFARPGYFQRAIKAGVKGYLLKDSPSEELANAIRSVMNGKRIYAPELMEDLYSEA
;
_entity_poly.pdbx_strand_id   A,B
#
loop_
_chem_comp.id
_chem_comp.type
_chem_comp.name
_chem_comp.formula
ACT non-polymer 'ACETATE ION' 'C2 H3 O2 -1'
BEF non-polymer 'BERYLLIUM TRIFLUORIDE ION' 'Be F3 -1'
GOL non-polymer GLYCEROL 'C3 H8 O3'
MG non-polymer 'MAGNESIUM ION' 'Mg 2'
#
# COMPACT_ATOMS: atom_id res chain seq x y z
N MET A 5 25.19 -1.90 3.21
CA MET A 5 23.90 -2.05 2.56
C MET A 5 23.00 -3.12 3.18
N ILE A 6 21.82 -2.71 3.69
CA ILE A 6 20.87 -3.63 4.29
C ILE A 6 20.03 -4.26 3.17
N SER A 7 20.01 -5.61 3.15
CA SER A 7 19.25 -6.43 2.20
C SER A 7 17.88 -6.72 2.79
N ILE A 8 16.85 -6.47 2.00
CA ILE A 8 15.46 -6.59 2.40
C ILE A 8 14.66 -7.47 1.48
N PHE A 9 13.84 -8.33 2.08
CA PHE A 9 12.83 -9.09 1.34
C PHE A 9 11.48 -8.52 1.79
N ILE A 10 10.54 -8.35 0.84
CA ILE A 10 9.20 -7.88 1.18
C ILE A 10 8.18 -8.93 0.84
N ALA A 11 7.37 -9.36 1.83
CA ALA A 11 6.28 -10.30 1.59
C ALA A 11 4.97 -9.53 1.81
N GLU A 12 4.20 -9.35 0.72
CA GLU A 12 2.94 -8.61 0.72
C GLU A 12 2.12 -9.12 -0.45
N ASP A 13 0.91 -9.65 -0.19
CA ASP A 13 0.05 -10.24 -1.23
C ASP A 13 -0.56 -9.26 -2.20
N GLN A 14 -0.81 -8.02 -1.77
CA GLN A 14 -1.39 -7.00 -2.63
C GLN A 14 -0.24 -6.37 -3.42
N GLN A 15 -0.13 -6.77 -4.71
CA GLN A 15 0.92 -6.39 -5.67
C GLN A 15 1.18 -4.89 -5.77
N MET A 16 0.12 -4.05 -5.76
CA MET A 16 0.19 -2.60 -5.85
C MET A 16 0.99 -2.07 -4.65
N LEU A 17 0.65 -2.58 -3.46
CA LEU A 17 1.29 -2.23 -2.18
C LEU A 17 2.70 -2.80 -2.10
N LEU A 18 2.92 -4.04 -2.60
CA LEU A 18 4.23 -4.71 -2.64
C LEU A 18 5.23 -3.88 -3.48
N GLY A 19 4.79 -3.46 -4.68
CA GLY A 19 5.54 -2.63 -5.60
C GLY A 19 5.82 -1.26 -5.01
N ALA A 20 4.80 -0.63 -4.38
CA ALA A 20 4.95 0.68 -3.74
C ALA A 20 5.92 0.67 -2.53
N LEU A 21 5.92 -0.42 -1.74
CA LEU A 21 6.82 -0.59 -0.59
C LEU A 21 8.29 -0.76 -1.02
N GLY A 22 8.53 -1.52 -2.10
CA GLY A 22 9.85 -1.72 -2.69
C GLY A 22 10.43 -0.40 -3.17
N SER A 23 9.56 0.44 -3.77
CA SER A 23 9.85 1.77 -4.27
C SER A 23 10.17 2.72 -3.10
N LEU A 24 9.40 2.62 -2.00
CA LEU A 24 9.57 3.43 -0.80
C LEU A 24 10.94 3.16 -0.12
N LEU A 25 11.39 1.88 -0.11
CA LEU A 25 12.64 1.41 0.49
C LEU A 25 13.88 1.58 -0.41
N ASN A 26 13.70 1.47 -1.74
CA ASN A 26 14.80 1.65 -2.70
C ASN A 26 15.25 3.12 -2.79
N LEU A 27 14.49 4.03 -2.16
CA LEU A 27 14.73 5.47 -2.01
C LEU A 27 15.98 5.68 -1.10
N GLU A 28 16.19 4.75 -0.13
CA GLU A 28 17.27 4.76 0.87
C GLU A 28 18.61 4.33 0.29
N ASP A 29 19.66 5.05 0.66
CA ASP A 29 21.03 4.84 0.22
C ASP A 29 21.71 3.62 0.84
N ASP A 30 21.32 3.27 2.08
CA ASP A 30 21.90 2.17 2.85
C ASP A 30 21.03 0.92 2.86
N MET A 31 20.06 0.83 1.93
CA MET A 31 19.10 -0.26 1.85
C MET A 31 18.92 -0.73 0.44
N GLU A 32 18.48 -2.00 0.31
CA GLU A 32 18.30 -2.66 -0.98
C GLU A 32 17.24 -3.75 -0.87
N VAL A 33 16.24 -3.71 -1.77
CA VAL A 33 15.21 -4.74 -1.84
C VAL A 33 15.79 -5.84 -2.76
N VAL A 34 16.13 -7.00 -2.17
CA VAL A 34 16.75 -8.12 -2.87
C VAL A 34 15.73 -9.13 -3.44
N GLY A 35 14.51 -9.08 -2.93
CA GLY A 35 13.42 -9.93 -3.40
C GLY A 35 12.07 -9.47 -2.90
N LYS A 36 11.03 -9.84 -3.63
CA LYS A 36 9.63 -9.52 -3.34
C LYS A 36 8.79 -10.80 -3.48
N GLY A 37 7.83 -10.96 -2.56
CA GLY A 37 6.95 -12.13 -2.53
C GLY A 37 5.53 -11.75 -2.16
N THR A 38 4.59 -12.63 -2.48
CA THR A 38 3.16 -12.39 -2.24
C THR A 38 2.52 -13.40 -1.29
N THR A 39 3.28 -14.41 -0.86
CA THR A 39 2.75 -15.45 0.05
C THR A 39 3.76 -15.69 1.19
N GLY A 40 3.32 -16.42 2.22
CA GLY A 40 4.15 -16.81 3.36
C GLY A 40 5.27 -17.73 2.94
N GLN A 41 4.97 -18.63 1.99
CA GLN A 41 5.93 -19.59 1.43
C GLN A 41 7.04 -18.89 0.67
N ASP A 42 6.70 -17.84 -0.11
CA ASP A 42 7.66 -17.01 -0.84
C ASP A 42 8.69 -16.43 0.14
N ALA A 43 8.23 -16.03 1.34
CA ALA A 43 9.06 -15.50 2.42
C ALA A 43 9.95 -16.58 3.03
N VAL A 44 9.39 -17.75 3.35
CA VAL A 44 10.15 -18.88 3.91
C VAL A 44 11.25 -19.32 2.92
N ASP A 45 10.88 -19.53 1.64
CA ASP A 45 11.80 -19.94 0.59
C ASP A 45 12.97 -18.97 0.41
N PHE A 46 12.66 -17.66 0.24
CA PHE A 46 13.69 -16.65 0.02
C PHE A 46 14.61 -16.48 1.22
N VAL A 47 14.03 -16.32 2.41
CA VAL A 47 14.77 -16.10 3.66
C VAL A 47 15.72 -17.25 4.02
N LYS A 48 15.25 -18.50 3.92
CA LYS A 48 16.10 -19.66 4.22
C LYS A 48 17.23 -19.80 3.17
N LYS A 49 16.94 -19.50 1.89
CA LYS A 49 17.89 -19.62 0.77
C LYS A 49 18.84 -18.41 0.61
N ARG A 50 18.27 -17.20 0.46
CA ARG A 50 19.02 -15.96 0.21
C ARG A 50 19.49 -15.20 1.44
N GLN A 51 18.91 -15.51 2.60
CA GLN A 51 19.26 -14.94 3.90
C GLN A 51 19.41 -13.42 3.91
N PRO A 52 18.35 -12.66 3.57
CA PRO A 52 18.45 -11.20 3.65
C PRO A 52 18.52 -10.79 5.13
N ASP A 53 19.13 -9.64 5.40
CA ASP A 53 19.23 -9.10 6.75
C ASP A 53 17.86 -8.95 7.38
N VAL A 54 16.90 -8.43 6.59
CA VAL A 54 15.55 -8.08 7.03
C VAL A 54 14.45 -8.63 6.12
N CYS A 55 13.32 -9.03 6.72
CA CYS A 55 12.12 -9.42 6.01
C CYS A 55 10.97 -8.55 6.51
N ILE A 56 10.31 -7.83 5.58
CA ILE A 56 9.11 -7.03 5.82
C ILE A 56 7.98 -8.01 5.51
N MET A 57 7.21 -8.35 6.55
CA MET A 57 6.21 -9.41 6.51
C MET A 57 4.76 -8.97 6.76
N ASP A 58 3.94 -9.13 5.74
CA ASP A 58 2.52 -8.91 5.87
C ASP A 58 1.97 -10.15 6.62
N ILE A 59 0.82 -10.03 7.30
CA ILE A 59 0.26 -11.20 8.00
C ILE A 59 -0.63 -11.98 7.03
N GLU A 60 -1.76 -11.39 6.68
CA GLU A 60 -2.75 -12.06 5.86
C GLU A 60 -2.37 -12.12 4.41
N MET A 61 -1.95 -13.31 3.99
CA MET A 61 -1.53 -13.63 2.63
C MET A 61 -2.08 -15.01 2.33
N PRO A 62 -2.34 -15.37 1.05
CA PRO A 62 -2.85 -16.73 0.76
C PRO A 62 -1.80 -17.81 0.95
N GLY A 63 -2.27 -19.02 1.27
CA GLY A 63 -1.42 -20.21 1.49
C GLY A 63 -0.89 -20.31 2.91
N LYS A 64 0.11 -19.48 3.24
CA LYS A 64 0.71 -19.40 4.57
C LYS A 64 0.74 -17.95 4.95
N THR A 65 0.29 -17.63 6.17
CA THR A 65 0.30 -16.25 6.64
C THR A 65 1.72 -15.87 7.02
N GLY A 66 1.96 -14.57 7.17
CA GLY A 66 3.25 -14.02 7.60
C GLY A 66 3.64 -14.43 9.00
N LEU A 67 2.65 -14.78 9.84
CA LEU A 67 2.86 -15.24 11.22
C LEU A 67 3.35 -16.67 11.20
N GLU A 68 2.72 -17.50 10.32
CA GLU A 68 3.13 -18.88 10.05
C GLU A 68 4.55 -18.85 9.45
N ALA A 69 4.80 -17.98 8.43
CA ALA A 69 6.14 -17.82 7.82
C ALA A 69 7.19 -17.42 8.86
N ALA A 70 6.85 -16.49 9.78
CA ALA A 70 7.72 -16.04 10.85
C ALA A 70 8.10 -17.19 11.79
N GLU A 71 7.14 -18.09 12.07
CA GLU A 71 7.38 -19.26 12.91
C GLU A 71 8.38 -20.24 12.28
N GLU A 72 8.26 -20.45 10.97
CA GLU A 72 9.15 -21.34 10.23
C GLU A 72 10.58 -20.77 10.12
N LEU A 73 10.72 -19.44 10.27
CA LEU A 73 11.99 -18.73 10.17
C LEU A 73 12.58 -18.32 11.52
N LYS A 74 11.97 -18.79 12.64
CA LYS A 74 12.35 -18.50 14.03
C LYS A 74 13.84 -18.66 14.35
N ASP A 75 14.50 -19.66 13.74
CA ASP A 75 15.92 -19.92 14.03
C ASP A 75 16.88 -19.57 12.89
N THR A 76 16.43 -18.78 11.90
CA THR A 76 17.21 -18.39 10.71
C THR A 76 18.17 -17.21 10.87
N GLY A 77 17.93 -16.35 11.86
CA GLY A 77 18.78 -15.19 12.07
C GLY A 77 18.43 -13.97 11.25
N CYS A 78 17.31 -14.04 10.51
CA CYS A 78 16.80 -12.92 9.72
C CYS A 78 15.96 -12.07 10.67
N LYS A 79 16.04 -10.76 10.54
CA LYS A 79 15.26 -9.85 11.39
C LYS A 79 13.91 -9.55 10.72
N ILE A 80 12.81 -10.10 11.29
CA ILE A 80 11.48 -9.95 10.73
C ILE A 80 10.76 -8.77 11.33
N ILE A 81 10.22 -7.90 10.45
CA ILE A 81 9.38 -6.79 10.84
C ILE A 81 8.01 -7.07 10.24
N ILE A 82 7.01 -7.27 11.09
CA ILE A 82 5.64 -7.45 10.62
C ILE A 82 5.10 -6.06 10.19
N LEU A 83 4.45 -6.01 9.02
CA LEU A 83 3.80 -4.80 8.53
C LEU A 83 2.41 -5.24 8.11
N THR A 84 1.39 -4.82 8.87
CA THR A 84 0.01 -5.27 8.69
C THR A 84 -1.04 -4.20 8.95
N THR A 85 -2.27 -4.45 8.46
CA THR A 85 -3.47 -3.63 8.71
C THR A 85 -3.95 -3.92 10.15
N PHE A 86 -3.73 -5.16 10.62
CA PHE A 86 -4.24 -5.70 11.88
C PHE A 86 -3.51 -5.45 13.18
N ALA A 87 -4.15 -4.65 14.03
CA ALA A 87 -3.74 -4.34 15.41
C ALA A 87 -4.52 -5.33 16.28
N ARG A 88 -4.13 -6.61 16.20
CA ARG A 88 -4.76 -7.69 16.97
C ARG A 88 -3.76 -8.13 18.03
N PRO A 89 -4.15 -8.11 19.34
CA PRO A 89 -3.21 -8.59 20.37
C PRO A 89 -2.75 -10.05 20.22
N GLY A 90 -3.62 -10.92 19.69
CA GLY A 90 -3.30 -12.32 19.42
C GLY A 90 -2.25 -12.48 18.33
N TYR A 91 -2.37 -11.66 17.28
CA TYR A 91 -1.42 -11.61 16.15
C TYR A 91 -0.07 -11.12 16.69
N PHE A 92 -0.10 -10.11 17.58
CA PHE A 92 1.11 -9.53 18.15
C PHE A 92 1.84 -10.50 19.07
N GLN A 93 1.10 -11.21 19.94
CA GLN A 93 1.67 -12.22 20.84
C GLN A 93 2.26 -13.41 20.10
N ARG A 94 1.60 -13.86 19.02
CA ARG A 94 2.09 -14.95 18.18
C ARG A 94 3.37 -14.51 17.43
N ALA A 95 3.41 -13.24 16.98
CA ALA A 95 4.53 -12.62 16.29
C ALA A 95 5.75 -12.57 17.21
N ILE A 96 5.60 -12.01 18.43
CA ILE A 96 6.71 -11.91 19.40
C ILE A 96 7.22 -13.28 19.88
N LYS A 97 6.32 -14.27 20.04
CA LYS A 97 6.71 -15.63 20.43
C LYS A 97 7.54 -16.29 19.30
N ALA A 98 7.26 -15.90 18.03
CA ALA A 98 7.99 -16.36 16.85
C ALA A 98 9.35 -15.64 16.71
N GLY A 99 9.58 -14.61 17.51
CA GLY A 99 10.84 -13.87 17.49
C GLY A 99 10.93 -12.70 16.53
N VAL A 100 9.78 -12.15 16.08
CA VAL A 100 9.80 -10.98 15.18
C VAL A 100 10.45 -9.79 15.93
N LYS A 101 11.20 -8.97 15.20
CA LYS A 101 11.90 -7.84 15.81
C LYS A 101 11.07 -6.57 15.82
N GLY A 102 10.09 -6.54 14.95
CA GLY A 102 9.19 -5.42 14.80
C GLY A 102 7.78 -5.80 14.41
N TYR A 103 6.87 -4.89 14.73
CA TYR A 103 5.47 -5.02 14.40
C TYR A 103 4.97 -3.61 14.11
N LEU A 104 4.79 -3.32 12.81
CA LEU A 104 4.33 -2.00 12.37
C LEU A 104 2.95 -2.11 11.79
N LEU A 105 2.21 -1.03 11.84
CA LEU A 105 0.87 -1.01 11.23
C LEU A 105 0.92 -0.28 9.90
N LYS A 106 0.01 -0.62 8.99
CA LYS A 106 -0.07 0.05 7.69
C LYS A 106 -0.64 1.50 7.89
N ASP A 107 -1.02 1.84 9.11
CA ASP A 107 -1.45 3.18 9.47
C ASP A 107 -0.32 3.97 10.18
N SER A 108 0.87 3.39 10.25
CA SER A 108 2.05 4.08 10.79
C SER A 108 2.56 5.00 9.68
N PRO A 109 3.16 6.18 9.97
CA PRO A 109 3.70 7.02 8.88
C PRO A 109 4.71 6.21 8.06
N SER A 110 4.77 6.44 6.73
CA SER A 110 5.68 5.70 5.83
C SER A 110 7.16 5.80 6.21
N GLU A 111 7.62 6.98 6.68
CA GLU A 111 9.01 7.23 7.12
C GLU A 111 9.45 6.27 8.24
N GLU A 112 8.50 5.81 9.06
CA GLU A 112 8.78 4.88 10.16
C GLU A 112 9.30 3.50 9.70
N LEU A 113 9.05 3.09 8.44
CA LEU A 113 9.51 1.80 7.93
C LEU A 113 11.05 1.73 7.77
N ALA A 114 11.66 2.70 7.07
CA ALA A 114 13.11 2.70 6.90
C ALA A 114 13.81 2.86 8.25
N ASN A 115 13.21 3.69 9.15
CA ASN A 115 13.69 3.91 10.52
C ASN A 115 13.69 2.62 11.33
N ALA A 116 12.60 1.84 11.25
CA ALA A 116 12.43 0.54 11.94
C ALA A 116 13.45 -0.49 11.47
N ILE A 117 13.76 -0.51 10.16
CA ILE A 117 14.76 -1.43 9.57
C ILE A 117 16.13 -1.14 10.17
N ARG A 118 16.53 0.14 10.27
CA ARG A 118 17.83 0.53 10.85
C ARG A 118 17.89 0.20 12.33
N SER A 119 16.78 0.49 13.07
CA SER A 119 16.65 0.24 14.51
C SER A 119 16.78 -1.25 14.83
N VAL A 120 16.09 -2.10 14.04
CA VAL A 120 16.09 -3.55 14.18
C VAL A 120 17.49 -4.12 13.88
N MET A 121 18.18 -3.56 12.87
CA MET A 121 19.55 -3.92 12.53
C MET A 121 20.52 -3.53 13.65
N ASN A 122 20.14 -2.55 14.50
CA ASN A 122 20.89 -2.07 15.67
C ASN A 122 20.47 -2.84 16.94
N GLY A 123 19.76 -3.95 16.78
CA GLY A 123 19.34 -4.80 17.88
C GLY A 123 18.11 -4.36 18.66
N LYS A 124 17.39 -3.31 18.18
CA LYS A 124 16.18 -2.80 18.84
C LYS A 124 14.90 -3.55 18.45
N ARG A 125 13.89 -3.51 19.33
CA ARG A 125 12.56 -4.10 19.10
C ARG A 125 11.62 -2.93 18.85
N ILE A 126 11.00 -2.86 17.66
CA ILE A 126 10.14 -1.76 17.23
C ILE A 126 8.66 -2.14 17.08
N TYR A 127 7.81 -1.65 17.98
CA TYR A 127 6.37 -1.90 17.93
C TYR A 127 5.70 -0.58 17.73
N ALA A 128 4.78 -0.49 16.78
CA ALA A 128 4.07 0.77 16.53
C ALA A 128 3.34 1.27 17.81
N PRO A 129 3.53 2.55 18.24
CA PRO A 129 2.81 3.02 19.45
C PRO A 129 1.29 2.94 19.29
N GLU A 130 0.81 3.07 18.04
CA GLU A 130 -0.61 3.03 17.68
C GLU A 130 -1.33 1.80 18.26
N LEU A 131 -0.62 0.63 18.37
CA LEU A 131 -1.11 -0.61 18.97
C LEU A 131 -1.67 -0.37 20.39
N MET A 132 -0.83 0.10 21.35
CA MET A 132 -1.24 0.38 22.73
C MET A 132 -2.32 1.43 22.79
N GLU A 133 -2.27 2.37 21.83
CA GLU A 133 -3.23 3.45 21.72
C GLU A 133 -4.62 2.93 21.28
N ASP A 134 -4.63 1.92 20.40
CA ASP A 134 -5.82 1.23 19.91
C ASP A 134 -6.49 0.46 21.07
N LEU A 135 -5.70 -0.38 21.79
CA LEU A 135 -6.15 -1.20 22.92
C LEU A 135 -6.65 -0.39 24.12
N TYR A 136 -6.00 0.76 24.41
CA TYR A 136 -6.36 1.64 25.53
C TYR A 136 -6.91 2.98 25.02
N MET B 5 3.71 17.99 -17.28
CA MET B 5 3.67 17.36 -15.95
C MET B 5 2.26 17.13 -15.42
N ILE B 6 1.91 15.86 -15.14
CA ILE B 6 0.60 15.50 -14.59
C ILE B 6 0.64 15.68 -13.08
N SER B 7 -0.30 16.49 -12.56
CA SER B 7 -0.48 16.77 -11.15
C SER B 7 -1.45 15.75 -10.55
N ILE B 8 -1.07 15.12 -9.43
CA ILE B 8 -1.89 14.08 -8.78
C ILE B 8 -2.10 14.35 -7.29
N PHE B 9 -3.33 14.13 -6.80
CA PHE B 9 -3.66 14.14 -5.38
C PHE B 9 -3.96 12.68 -5.00
N ILE B 10 -3.38 12.17 -3.90
CA ILE B 10 -3.66 10.80 -3.46
C ILE B 10 -4.44 10.84 -2.18
N ALA B 11 -5.61 10.17 -2.15
CA ALA B 11 -6.42 10.05 -0.93
C ALA B 11 -6.40 8.57 -0.55
N GLU B 12 -5.78 8.27 0.60
CA GLU B 12 -5.60 6.91 1.12
C GLU B 12 -5.44 7.04 2.62
N ASP B 13 -6.32 6.38 3.40
CA ASP B 13 -6.29 6.49 4.87
C ASP B 13 -5.13 5.79 5.54
N GLN B 14 -4.60 4.72 4.95
CA GLN B 14 -3.47 4.00 5.53
C GLN B 14 -2.20 4.74 5.10
N GLN B 15 -1.63 5.51 6.05
CA GLN B 15 -0.46 6.38 5.92
C GLN B 15 0.74 5.72 5.27
N MET B 16 1.03 4.45 5.63
CA MET B 16 2.15 3.68 5.10
C MET B 16 1.99 3.52 3.60
N LEU B 17 0.78 3.12 3.17
CA LEU B 17 0.37 2.94 1.78
C LEU B 17 0.30 4.27 1.03
N LEU B 18 -0.20 5.33 1.69
CA LEU B 18 -0.29 6.69 1.12
C LEU B 18 1.13 7.21 0.75
N GLY B 19 2.06 7.07 1.69
CA GLY B 19 3.45 7.45 1.54
C GLY B 19 4.14 6.62 0.47
N ALA B 20 3.90 5.29 0.46
CA ALA B 20 4.49 4.38 -0.53
C ALA B 20 3.97 4.66 -1.97
N LEU B 21 2.68 5.03 -2.13
CA LEU B 21 2.07 5.39 -3.41
C LEU B 21 2.64 6.68 -3.98
N GLY B 22 2.86 7.68 -3.13
CA GLY B 22 3.45 8.96 -3.52
C GLY B 22 4.87 8.76 -4.02
N SER B 23 5.61 7.87 -3.35
CA SER B 23 6.98 7.46 -3.69
C SER B 23 6.99 6.70 -5.03
N LEU B 24 6.00 5.82 -5.24
CA LEU B 24 5.85 5.02 -6.47
C LEU B 24 5.59 5.92 -7.71
N LEU B 25 4.80 7.01 -7.52
CA LEU B 25 4.42 7.97 -8.57
C LEU B 25 5.44 9.07 -8.82
N ASN B 26 6.19 9.48 -7.77
CA ASN B 26 7.23 10.51 -7.90
C ASN B 26 8.46 9.99 -8.66
N LEU B 27 8.49 8.67 -8.93
CA LEU B 27 9.47 7.93 -9.73
C LEU B 27 9.37 8.36 -11.20
N GLU B 28 8.14 8.74 -11.65
CA GLU B 28 7.81 9.14 -13.02
C GLU B 28 8.23 10.58 -13.32
N ASP B 29 8.81 10.78 -14.50
CA ASP B 29 9.32 12.07 -14.98
C ASP B 29 8.21 13.04 -15.40
N ASP B 30 7.08 12.52 -15.88
CA ASP B 30 5.95 13.31 -16.38
C ASP B 30 4.81 13.42 -15.38
N MET B 31 5.09 13.12 -14.10
CA MET B 31 4.09 13.10 -13.02
C MET B 31 4.60 13.78 -11.79
N GLU B 32 3.67 14.25 -10.96
CA GLU B 32 3.98 14.96 -9.73
C GLU B 32 2.83 14.82 -8.73
N VAL B 33 3.16 14.37 -7.51
CA VAL B 33 2.19 14.27 -6.42
C VAL B 33 2.17 15.68 -5.77
N VAL B 34 1.05 16.40 -5.94
CA VAL B 34 0.90 17.78 -5.45
C VAL B 34 0.25 17.82 -4.05
N GLY B 35 -0.38 16.72 -3.68
CA GLY B 35 -0.99 16.62 -2.36
C GLY B 35 -1.27 15.19 -1.96
N LYS B 36 -1.45 14.98 -0.65
CA LYS B 36 -1.78 13.69 -0.06
C LYS B 36 -2.81 13.88 1.05
N GLY B 37 -3.78 12.98 1.11
CA GLY B 37 -4.85 13.04 2.10
C GLY B 37 -5.23 11.67 2.62
N THR B 38 -5.90 11.63 3.76
CA THR B 38 -6.30 10.37 4.40
C THR B 38 -7.81 10.19 4.52
N THR B 39 -8.59 11.20 4.13
CA THR B 39 -10.06 11.13 4.22
C THR B 39 -10.68 11.61 2.90
N GLY B 40 -11.98 11.36 2.74
CA GLY B 40 -12.74 11.79 1.56
C GLY B 40 -12.84 13.29 1.51
N GLN B 41 -12.95 13.96 2.68
CA GLN B 41 -13.00 15.42 2.80
C GLN B 41 -11.70 16.07 2.34
N ASP B 42 -10.54 15.46 2.70
CA ASP B 42 -9.22 15.91 2.27
C ASP B 42 -9.17 15.96 0.73
N ALA B 43 -9.78 14.97 0.07
CA ALA B 43 -9.88 14.87 -1.39
C ALA B 43 -10.78 15.95 -1.97
N VAL B 44 -11.98 16.14 -1.39
CA VAL B 44 -12.93 17.15 -1.83
C VAL B 44 -12.30 18.55 -1.70
N ASP B 45 -11.74 18.87 -0.53
CA ASP B 45 -11.09 20.15 -0.26
C ASP B 45 -9.96 20.46 -1.24
N PHE B 46 -9.00 19.53 -1.41
CA PHE B 46 -7.86 19.74 -2.31
C PHE B 46 -8.27 19.89 -3.76
N VAL B 47 -9.09 18.94 -4.25
CA VAL B 47 -9.53 18.88 -5.63
C VAL B 47 -10.34 20.10 -6.07
N LYS B 48 -11.28 20.55 -5.24
CA LYS B 48 -12.11 21.75 -5.55
C LYS B 48 -11.23 23.00 -5.55
N LYS B 49 -10.26 23.08 -4.61
CA LYS B 49 -9.39 24.26 -4.43
C LYS B 49 -8.17 24.31 -5.35
N ARG B 50 -7.35 23.24 -5.34
CA ARG B 50 -6.09 23.15 -6.11
C ARG B 50 -6.23 22.59 -7.53
N GLN B 51 -7.34 21.90 -7.82
CA GLN B 51 -7.67 21.32 -9.12
C GLN B 51 -6.54 20.54 -9.78
N PRO B 52 -6.10 19.41 -9.18
CA PRO B 52 -5.07 18.61 -9.86
C PRO B 52 -5.69 17.94 -11.08
N ASP B 53 -4.85 17.52 -12.01
CA ASP B 53 -5.32 16.80 -13.20
C ASP B 53 -6.02 15.50 -12.78
N VAL B 54 -5.40 14.77 -11.83
CA VAL B 54 -5.82 13.44 -11.39
C VAL B 54 -5.91 13.32 -9.86
N CYS B 55 -6.84 12.48 -9.41
CA CYS B 55 -6.99 12.14 -8.02
C CYS B 55 -7.03 10.61 -7.88
N ILE B 56 -6.07 10.03 -7.15
CA ILE B 56 -6.07 8.60 -6.88
C ILE B 56 -6.87 8.49 -5.58
N MET B 57 -8.02 7.80 -5.66
CA MET B 57 -9.01 7.76 -4.61
C MET B 57 -9.28 6.40 -4.02
N ASP B 58 -9.00 6.24 -2.73
CA ASP B 58 -9.32 5.01 -2.01
C ASP B 58 -10.82 5.06 -1.67
N ILE B 59 -11.49 3.91 -1.50
CA ILE B 59 -12.92 3.96 -1.18
C ILE B 59 -13.13 4.12 0.34
N GLU B 60 -12.73 3.10 1.09
CA GLU B 60 -12.94 3.07 2.53
C GLU B 60 -11.94 3.90 3.29
N MET B 61 -12.40 5.07 3.73
CA MET B 61 -11.63 6.04 4.52
C MET B 61 -12.56 6.57 5.60
N PRO B 62 -12.05 7.01 6.77
CA PRO B 62 -12.94 7.57 7.79
C PRO B 62 -13.52 8.94 7.41
N GLY B 63 -14.67 9.26 7.98
CA GLY B 63 -15.37 10.53 7.75
C GLY B 63 -16.22 10.54 6.50
N LYS B 64 -15.54 10.60 5.35
CA LYS B 64 -16.16 10.60 4.04
C LYS B 64 -15.43 9.55 3.21
N THR B 65 -16.20 8.68 2.55
CA THR B 65 -15.65 7.63 1.66
C THR B 65 -15.17 8.28 0.36
N GLY B 66 -14.34 7.55 -0.38
CA GLY B 66 -13.87 7.99 -1.68
C GLY B 66 -15.00 8.09 -2.68
N LEU B 67 -16.08 7.30 -2.51
CA LEU B 67 -17.22 7.35 -3.43
C LEU B 67 -18.10 8.56 -3.18
N GLU B 68 -18.29 8.91 -1.89
CA GLU B 68 -19.01 10.09 -1.42
C GLU B 68 -18.27 11.33 -1.90
N ALA B 69 -16.91 11.29 -1.82
CA ALA B 69 -16.01 12.34 -2.30
C ALA B 69 -16.10 12.45 -3.83
N ALA B 70 -16.05 11.31 -4.56
CA ALA B 70 -16.15 11.28 -6.02
C ALA B 70 -17.46 11.91 -6.48
N GLU B 71 -18.55 11.67 -5.74
CA GLU B 71 -19.86 12.25 -6.05
C GLU B 71 -19.86 13.78 -5.88
N GLU B 72 -19.21 14.28 -4.83
CA GLU B 72 -19.10 15.71 -4.56
C GLU B 72 -18.23 16.43 -5.60
N LEU B 73 -17.35 15.67 -6.29
CA LEU B 73 -16.40 16.18 -7.29
C LEU B 73 -16.82 15.89 -8.73
N LYS B 74 -18.06 15.36 -8.93
CA LYS B 74 -18.63 14.96 -10.23
C LYS B 74 -18.55 16.04 -11.32
N ASP B 75 -18.68 17.32 -10.94
CA ASP B 75 -18.65 18.41 -11.92
C ASP B 75 -17.39 19.29 -11.88
N THR B 76 -16.30 18.81 -11.24
CA THR B 76 -15.04 19.54 -11.09
C THR B 76 -14.04 19.44 -12.24
N GLY B 77 -14.15 18.41 -13.08
CA GLY B 77 -13.24 18.25 -14.21
C GLY B 77 -11.92 17.56 -13.89
N CYS B 78 -11.78 17.09 -12.65
CA CYS B 78 -10.62 16.31 -12.20
C CYS B 78 -10.86 14.86 -12.60
N LYS B 79 -9.83 14.18 -13.07
CA LYS B 79 -9.96 12.78 -13.48
C LYS B 79 -9.70 11.85 -12.26
N ILE B 80 -10.76 11.20 -11.74
CA ILE B 80 -10.67 10.35 -10.57
C ILE B 80 -10.42 8.91 -10.95
N ILE B 81 -9.40 8.31 -10.33
CA ILE B 81 -9.09 6.90 -10.48
C ILE B 81 -9.26 6.30 -9.09
N ILE B 82 -10.19 5.36 -8.98
CA ILE B 82 -10.39 4.66 -7.73
C ILE B 82 -9.26 3.61 -7.58
N LEU B 83 -8.68 3.51 -6.38
CA LEU B 83 -7.68 2.50 -6.07
C LEU B 83 -8.12 1.90 -4.75
N THR B 84 -8.60 0.66 -4.79
CA THR B 84 -9.19 -0.02 -3.64
C THR B 84 -8.89 -1.52 -3.57
N THR B 85 -9.08 -2.10 -2.38
CA THR B 85 -8.98 -3.54 -2.12
C THR B 85 -10.25 -4.21 -2.69
N PHE B 86 -11.38 -3.48 -2.66
CA PHE B 86 -12.72 -3.98 -3.00
C PHE B 86 -13.18 -4.05 -4.44
N ALA B 87 -13.33 -5.27 -4.93
CA ALA B 87 -13.87 -5.64 -6.23
C ALA B 87 -15.37 -5.94 -5.93
N ARG B 88 -16.12 -4.87 -5.56
CA ARG B 88 -17.52 -4.95 -5.12
C ARG B 88 -18.41 -4.27 -6.17
N PRO B 89 -19.34 -5.02 -6.79
CA PRO B 89 -20.21 -4.47 -7.85
C PRO B 89 -20.92 -3.15 -7.55
N GLY B 90 -21.40 -3.00 -6.32
CA GLY B 90 -22.07 -1.80 -5.85
C GLY B 90 -21.16 -0.59 -5.82
N TYR B 91 -19.91 -0.80 -5.36
CA TYR B 91 -18.85 0.22 -5.32
C TYR B 91 -18.52 0.64 -6.75
N PHE B 92 -18.38 -0.34 -7.64
CA PHE B 92 -18.07 -0.09 -9.06
C PHE B 92 -19.15 0.75 -9.72
N GLN B 93 -20.43 0.36 -9.57
CA GLN B 93 -21.55 1.07 -10.18
C GLN B 93 -21.75 2.48 -9.65
N ARG B 94 -21.53 2.68 -8.34
CA ARG B 94 -21.61 3.99 -7.70
C ARG B 94 -20.45 4.90 -8.20
N ALA B 95 -19.24 4.30 -8.40
CA ALA B 95 -18.05 4.97 -8.90
C ALA B 95 -18.29 5.49 -10.33
N ILE B 96 -18.75 4.62 -11.23
CA ILE B 96 -19.00 5.00 -12.63
C ILE B 96 -20.12 6.02 -12.79
N LYS B 97 -21.19 5.93 -11.94
CA LYS B 97 -22.29 6.89 -11.96
C LYS B 97 -21.80 8.25 -11.51
N ALA B 98 -20.78 8.28 -10.62
CA ALA B 98 -20.13 9.51 -10.12
C ALA B 98 -19.17 10.11 -11.16
N GLY B 99 -18.89 9.36 -12.23
CA GLY B 99 -18.03 9.83 -13.31
C GLY B 99 -16.55 9.57 -13.14
N VAL B 100 -16.17 8.53 -12.33
CA VAL B 100 -14.76 8.17 -12.15
C VAL B 100 -14.22 7.68 -13.49
N LYS B 101 -12.95 7.98 -13.78
CA LYS B 101 -12.35 7.62 -15.05
C LYS B 101 -11.69 6.27 -15.00
N GLY B 102 -11.36 5.83 -13.79
CA GLY B 102 -10.71 4.57 -13.56
C GLY B 102 -11.12 3.90 -12.26
N TYR B 103 -10.90 2.59 -12.22
CA TYR B 103 -11.15 1.75 -11.08
C TYR B 103 -10.07 0.68 -11.09
N LEU B 104 -9.10 0.84 -10.19
CA LEU B 104 -8.00 -0.10 -10.07
C LEU B 104 -8.08 -0.84 -8.77
N LEU B 105 -7.52 -2.05 -8.74
CA LEU B 105 -7.50 -2.82 -7.50
C LEU B 105 -6.13 -2.75 -6.88
N LYS B 106 -6.04 -2.88 -5.56
CA LYS B 106 -4.75 -2.88 -4.85
C LYS B 106 -3.98 -4.18 -5.13
N ASP B 107 -4.64 -5.12 -5.85
CA ASP B 107 -4.00 -6.35 -6.27
C ASP B 107 -3.56 -6.28 -7.74
N SER B 108 -3.68 -5.10 -8.36
CA SER B 108 -3.21 -4.84 -9.73
C SER B 108 -1.69 -4.65 -9.62
N PRO B 109 -0.87 -5.06 -10.61
CA PRO B 109 0.58 -4.78 -10.52
C PRO B 109 0.81 -3.28 -10.33
N SER B 110 1.86 -2.89 -9.57
CA SER B 110 2.17 -1.48 -9.29
C SER B 110 2.33 -0.60 -10.56
N GLU B 111 2.80 -1.19 -11.68
N GLU B 111 2.99 -1.14 -11.61
CA GLU B 111 2.95 -0.50 -12.97
CA GLU B 111 3.28 -0.47 -12.88
C GLU B 111 1.59 -0.05 -13.56
C GLU B 111 2.04 0.11 -13.58
N GLU B 112 0.47 -0.74 -13.20
N GLU B 112 0.87 -0.53 -13.37
CA GLU B 112 -0.89 -0.38 -13.65
CA GLU B 112 -0.40 -0.11 -13.96
C GLU B 112 -1.27 1.05 -13.23
C GLU B 112 -0.98 1.16 -13.38
N LEU B 113 -0.70 1.55 -12.12
N LEU B 113 -0.48 1.62 -12.22
CA LEU B 113 -1.03 2.88 -11.62
CA LEU B 113 -0.99 2.85 -11.62
C LEU B 113 -0.58 4.05 -12.52
C LEU B 113 -0.57 4.06 -12.46
N ALA B 114 0.72 4.17 -12.81
CA ALA B 114 1.26 5.27 -13.66
C ALA B 114 0.68 5.19 -15.08
N ASN B 115 0.50 3.95 -15.57
CA ASN B 115 -0.07 3.66 -16.88
C ASN B 115 -1.50 4.16 -16.99
N ALA B 116 -2.33 3.88 -15.96
CA ALA B 116 -3.74 4.30 -15.85
C ALA B 116 -3.88 5.82 -15.81
N ILE B 117 -2.97 6.52 -15.11
CA ILE B 117 -2.94 7.99 -15.02
C ILE B 117 -2.75 8.59 -16.41
N ARG B 118 -1.78 8.06 -17.20
CA ARG B 118 -1.52 8.55 -18.56
C ARG B 118 -2.70 8.27 -19.48
N SER B 119 -3.28 7.04 -19.38
CA SER B 119 -4.43 6.59 -20.18
C SER B 119 -5.66 7.48 -19.95
N VAL B 120 -5.94 7.76 -18.67
CA VAL B 120 -7.07 8.60 -18.23
C VAL B 120 -6.88 10.07 -18.71
N MET B 121 -5.63 10.56 -18.68
CA MET B 121 -5.27 11.88 -19.19
C MET B 121 -5.43 11.95 -20.72
N ASN B 122 -5.40 10.79 -21.39
CA ASN B 122 -5.61 10.65 -22.83
C ASN B 122 -7.08 10.36 -23.16
N GLY B 123 -7.96 10.60 -22.20
CA GLY B 123 -9.41 10.45 -22.37
C GLY B 123 -9.98 9.04 -22.29
N LYS B 124 -9.21 8.07 -21.80
CA LYS B 124 -9.67 6.70 -21.71
C LYS B 124 -10.29 6.42 -20.34
N ARG B 125 -11.10 5.34 -20.29
CA ARG B 125 -11.72 4.80 -19.09
C ARG B 125 -10.96 3.51 -18.80
N ILE B 126 -10.30 3.42 -17.63
CA ILE B 126 -9.51 2.27 -17.26
C ILE B 126 -10.07 1.53 -16.08
N TYR B 127 -10.41 0.25 -16.31
CA TYR B 127 -10.90 -0.64 -15.27
C TYR B 127 -9.92 -1.79 -15.23
N ALA B 128 -9.44 -2.14 -14.03
CA ALA B 128 -8.45 -3.21 -13.86
C ALA B 128 -8.92 -4.51 -14.51
N PRO B 129 -8.09 -5.19 -15.34
CA PRO B 129 -8.52 -6.48 -15.92
C PRO B 129 -8.96 -7.48 -14.87
N GLU B 130 -8.30 -7.46 -13.68
CA GLU B 130 -8.59 -8.28 -12.50
C GLU B 130 -10.03 -8.06 -12.04
N LEU B 131 -10.49 -6.79 -12.07
CA LEU B 131 -11.85 -6.38 -11.71
C LEU B 131 -12.87 -6.92 -12.74
N MET B 132 -12.56 -6.76 -14.03
CA MET B 132 -13.41 -7.22 -15.12
C MET B 132 -13.54 -8.77 -15.15
N GLU B 133 -12.46 -9.53 -14.84
CA GLU B 133 -12.45 -11.00 -14.82
C GLU B 133 -13.31 -11.53 -13.69
N ASP B 134 -13.36 -10.77 -12.57
CA ASP B 134 -14.21 -11.09 -11.42
C ASP B 134 -15.67 -10.70 -11.69
N LEU B 135 -15.95 -9.38 -11.82
CA LEU B 135 -17.27 -8.78 -11.99
C LEU B 135 -18.00 -9.02 -13.29
N TYR B 136 -17.29 -8.99 -14.43
CA TYR B 136 -17.97 -9.20 -15.71
C TYR B 136 -18.25 -10.69 -15.94
N SER B 137 -19.33 -11.17 -15.29
CA SER B 137 -19.81 -12.57 -15.28
C SER B 137 -21.26 -12.60 -14.82
MG MG C . -2.25 -9.13 3.02
BE BEF D . -1.49 -7.90 5.90
F1 BEF D . -1.78 -8.61 7.39
F2 BEF D . -2.65 -8.50 4.85
F3 BEF D . -1.89 -6.28 6.09
C ACT E . 2.64 9.59 5.21
O ACT E . 2.98 8.95 6.22
OXT ACT E . 3.25 9.61 4.12
CH3 ACT E . 1.36 10.47 5.32
MG MG F . -8.96 2.60 3.09
BE BEF G . -9.72 1.32 0.28
F1 BEF G . -9.81 1.21 1.96
F2 BEF G . -11.28 1.12 -0.32
F3 BEF G . -8.86 -0.02 -0.26
C ACT H . -2.98 5.45 -23.35
O ACT H . -3.00 4.25 -22.99
OXT ACT H . -2.05 6.28 -23.06
CH3 ACT H . -4.16 5.94 -24.21
C1 GOL I . -14.31 -3.96 4.84
O1 GOL I . -13.99 -3.11 5.94
C2 GOL I . -15.63 -4.66 5.03
O2 GOL I . -15.73 -5.73 4.08
C3 GOL I . -16.81 -3.73 4.85
O3 GOL I . -16.89 -3.23 3.51
#